data_6I8Y
#
_entry.id   6I8Y
#
_cell.length_a   116.170
_cell.length_b   116.170
_cell.length_c   43.630
_cell.angle_alpha   90.000
_cell.angle_beta   90.000
_cell.angle_gamma   90.000
#
_symmetry.space_group_name_H-M   'P 43 21 2'
#
loop_
_entity.id
_entity.type
_entity.pdbx_description
1 polymer Spindlin-1
2 non-polymer "5'-methoxy-6'-[3-(pyrrolidin-1-yl)propoxy]spiro[cyclobutane-1,3'-indol]-2'-amine"
3 non-polymer 1,2-ETHANEDIOL
4 non-polymer 'DIMETHYL SULFOXIDE'
5 non-polymer (4S)-2-METHYL-2,4-PENTANEDIOL
6 non-polymer GLYCEROL
7 non-polymer 'SODIUM ION'
8 water water
#
_entity_poly.entity_id   1
_entity_poly.type   'polypeptide(L)'
_entity_poly.pdbx_seq_one_letter_code
;MPRRNIVGCRIQHGWKEGNGPVTQWKGTVLDQVPVNPSLYLIKYDGFDCVYGLELNKDERVSALEVLPDRVATSRISDAH
LADTMIGKAVEHMFETEDGSKDEWRGMVLARAPVMNTWFYITYEKDPVLYMYQLLDDYKEGDLRIMPDSNDSPPAEREPG
EVVDSLVGKQVEYAKEDGSKRTGMVIHQVEAKPSVYFIKFDDDFHIYVYDLVKTSAENLYFQ
;
_entity_poly.pdbx_strand_id   A
#
loop_
_chem_comp.id
_chem_comp.type
_chem_comp.name
_chem_comp.formula
2OD non-polymer 5'-methoxy-6'-[3-(pyrrolidin-1-yl)propoxy]spiro[cyclobutane-1,3'-indol]-2'-amine 'C19 H27 N3 O2'
DMS non-polymer 'DIMETHYL SULFOXIDE' 'C2 H6 O S'
EDO non-polymer 1,2-ETHANEDIOL 'C2 H6 O2'
GOL non-polymer GLYCEROL 'C3 H8 O3'
MPD non-polymer (4S)-2-METHYL-2,4-PENTANEDIOL 'C6 H14 O2'
NA non-polymer 'SODIUM ION' 'Na 1'
#
# COMPACT_ATOMS: atom_id res chain seq x y z
N ARG A 4 -16.10 14.22 10.65
CA ARG A 4 -14.85 14.98 10.62
C ARG A 4 -13.62 14.07 10.53
N ASN A 5 -13.79 12.95 9.85
CA ASN A 5 -12.74 11.94 9.76
C ASN A 5 -11.73 12.28 8.67
N ILE A 6 -10.45 12.03 8.96
CA ILE A 6 -9.42 11.98 7.91
C ILE A 6 -9.39 10.59 7.27
N VAL A 7 -9.12 9.57 8.07
CA VAL A 7 -9.19 8.21 7.59
C VAL A 7 -10.60 8.06 7.03
N GLY A 8 -10.71 7.70 5.75
CA GLY A 8 -12.01 7.53 5.14
C GLY A 8 -12.53 8.73 4.39
N CYS A 9 -11.83 9.86 4.43
CA CYS A 9 -12.11 10.96 3.53
C CYS A 9 -12.00 10.49 2.08
N ARG A 10 -12.93 10.93 1.24
CA ARG A 10 -12.77 10.79 -0.21
C ARG A 10 -12.23 12.08 -0.81
N ILE A 11 -11.29 11.92 -1.75
CA ILE A 11 -10.64 13.09 -2.35
C ILE A 11 -10.62 12.94 -3.85
N GLN A 12 -10.52 14.08 -4.54
CA GLN A 12 -10.20 14.07 -5.97
C GLN A 12 -9.14 15.13 -6.22
N HIS A 13 -8.34 14.90 -7.27
CA HIS A 13 -7.33 15.88 -7.62
C HIS A 13 -6.83 15.62 -9.04
N GLY A 14 -6.19 16.65 -9.59
CA GLY A 14 -5.43 16.49 -10.82
C GLY A 14 -4.00 16.08 -10.53
N TRP A 15 -3.35 15.55 -11.56
CA TRP A 15 -1.97 15.07 -11.50
C TRP A 15 -1.29 15.47 -12.78
N LYS A 16 -0.07 16.00 -12.66
CA LYS A 16 0.71 16.43 -13.81
C LYS A 16 2.19 16.19 -13.55
N GLU A 17 2.86 15.49 -14.47
CA GLU A 17 4.29 15.23 -14.41
C GLU A 17 4.99 16.03 -15.51
N GLY A 18 5.90 16.91 -15.12
CA GLY A 18 6.62 17.68 -16.13
C GLY A 18 5.68 18.49 -17.01
N ASN A 19 5.85 18.38 -18.33
CA ASN A 19 4.97 19.05 -19.27
C ASN A 19 3.87 18.14 -19.79
N GLY A 20 3.59 17.04 -19.09
CA GLY A 20 2.59 16.09 -19.52
C GLY A 20 1.19 16.58 -19.30
N PRO A 21 0.20 15.83 -19.78
CA PRO A 21 -1.20 16.21 -19.56
C PRO A 21 -1.63 16.04 -18.11
N VAL A 22 -2.65 16.78 -17.75
CA VAL A 22 -3.25 16.64 -16.42
C VAL A 22 -4.25 15.49 -16.44
N THR A 23 -4.10 14.54 -15.52
CA THR A 23 -5.04 13.44 -15.37
C THR A 23 -5.82 13.64 -14.06
N GLN A 24 -7.05 13.13 -14.02
CA GLN A 24 -7.96 13.31 -12.88
C GLN A 24 -8.11 12.01 -12.10
N TRP A 25 -8.13 12.12 -10.77
CA TRP A 25 -8.03 10.97 -9.88
C TRP A 25 -9.01 11.13 -8.73
N LYS A 26 -9.62 10.01 -8.31
CA LYS A 26 -10.48 9.95 -7.12
C LYS A 26 -9.98 8.81 -6.24
N GLY A 27 -10.02 9.01 -4.94
CA GLY A 27 -9.52 7.99 -4.02
C GLY A 27 -10.01 8.22 -2.61
N THR A 28 -9.56 7.31 -1.75
CA THR A 28 -9.95 7.26 -0.34
C THR A 28 -8.69 7.39 0.49
N VAL A 29 -8.67 8.31 1.43
CA VAL A 29 -7.53 8.43 2.30
C VAL A 29 -7.56 7.35 3.38
N LEU A 30 -6.50 6.57 3.50
CA LEU A 30 -6.41 5.47 4.46
C LEU A 30 -5.71 5.81 5.76
N ASP A 31 -4.72 6.69 5.72
CA ASP A 31 -3.83 6.84 6.86
C ASP A 31 -3.05 8.13 6.67
N GLN A 32 -2.80 8.84 7.76
CA GLN A 32 -1.80 9.89 7.84
C GLN A 32 -0.64 9.31 8.65
N VAL A 33 0.51 9.18 8.03
CA VAL A 33 1.61 8.37 8.59
C VAL A 33 2.12 9.03 9.87
N PRO A 34 2.09 8.36 11.02
CA PRO A 34 2.56 9.02 12.26
C PRO A 34 3.98 9.58 12.21
N VAL A 35 4.93 8.89 11.59
CA VAL A 35 6.31 9.41 11.60
C VAL A 35 6.53 10.47 10.54
N ASN A 36 5.55 10.70 9.67
CA ASN A 36 5.63 11.78 8.70
C ASN A 36 4.23 12.20 8.37
N PRO A 37 3.65 13.09 9.17
CA PRO A 37 2.23 13.44 9.01
C PRO A 37 1.91 14.14 7.71
N SER A 38 2.89 14.55 6.93
CA SER A 38 2.64 15.07 5.58
C SER A 38 2.27 13.98 4.61
N LEU A 39 2.63 12.76 4.93
CA LEU A 39 2.45 11.62 4.04
C LEU A 39 1.11 10.96 4.29
N TYR A 40 0.26 10.91 3.24
CA TYR A 40 -1.02 10.26 3.26
C TYR A 40 -0.93 9.00 2.42
N LEU A 41 -1.49 7.90 2.94
CA LEU A 41 -1.67 6.69 2.15
C LEU A 41 -3.08 6.72 1.59
N ILE A 42 -3.18 6.40 0.31
CA ILE A 42 -4.39 6.61 -0.49
C ILE A 42 -4.65 5.38 -1.34
N LYS A 43 -5.96 4.97 -1.43
CA LYS A 43 -6.43 3.94 -2.35
C LYS A 43 -7.19 4.66 -3.44
N TYR A 44 -6.69 4.62 -4.66
CA TYR A 44 -7.39 5.23 -5.78
C TYR A 44 -8.40 4.25 -6.35
N ASP A 45 -9.56 4.77 -6.77
CA ASP A 45 -10.61 3.94 -7.29
C ASP A 45 -10.09 3.18 -8.50
N GLY A 46 -10.30 1.86 -8.51
CA GLY A 46 -9.94 1.04 -9.64
C GLY A 46 -8.51 0.56 -9.67
N PHE A 47 -7.66 1.03 -8.78
CA PHE A 47 -6.26 0.65 -8.76
C PHE A 47 -5.94 -0.07 -7.46
N ASP A 48 -5.21 -1.17 -7.53
CA ASP A 48 -5.12 -2.07 -6.40
C ASP A 48 -3.98 -1.74 -5.42
N CYS A 49 -2.96 -0.98 -5.83
CA CYS A 49 -1.86 -0.65 -4.93
C CYS A 49 -2.23 0.47 -3.98
N VAL A 50 -1.55 0.51 -2.82
CA VAL A 50 -1.65 1.65 -1.91
C VAL A 50 -0.56 2.64 -2.29
N TYR A 51 -0.94 3.90 -2.42
CA TYR A 51 -0.01 4.95 -2.77
C TYR A 51 0.23 5.94 -1.64
N GLY A 52 1.45 6.48 -1.60
CA GLY A 52 1.79 7.49 -0.62
C GLY A 52 2.10 8.80 -1.30
N LEU A 53 1.44 9.90 -0.88
CA LEU A 53 1.74 11.24 -1.40
C LEU A 53 1.86 12.23 -0.26
N GLU A 54 2.81 13.12 -0.36
CA GLU A 54 2.88 14.27 0.57
C GLU A 54 2.04 15.37 -0.05
N LEU A 55 0.73 15.33 0.22
CA LEU A 55 -0.19 16.22 -0.49
C LEU A 55 0.14 17.69 -0.28
N ASN A 56 0.73 18.06 0.85
CA ASN A 56 0.99 19.46 1.14
C ASN A 56 2.19 20.04 0.41
N LYS A 57 3.05 19.17 -0.17
CA LYS A 57 4.30 19.57 -0.76
C LYS A 57 4.47 19.16 -2.21
N ASP A 58 3.64 18.24 -2.73
CA ASP A 58 3.90 17.60 -4.02
C ASP A 58 3.26 18.46 -5.10
N GLU A 59 4.11 19.12 -5.88
CA GLU A 59 3.60 20.10 -6.83
C GLU A 59 2.91 19.43 -8.00
N ARG A 60 2.97 18.10 -8.07
CA ARG A 60 2.27 17.39 -9.15
C ARG A 60 0.76 17.31 -8.89
N VAL A 61 0.34 17.57 -7.65
CA VAL A 61 -1.06 17.54 -7.24
C VAL A 61 -1.67 18.91 -7.45
N SER A 62 -2.83 18.96 -8.08
CA SER A 62 -3.55 20.20 -8.26
C SER A 62 -5.02 20.02 -7.94
N ALA A 63 -5.69 21.13 -7.64
CA ALA A 63 -7.15 21.12 -7.55
C ALA A 63 -7.64 20.03 -6.58
N LEU A 64 -6.98 19.96 -5.43
CA LEU A 64 -7.33 18.98 -4.41
C LEU A 64 -8.66 19.34 -3.78
N GLU A 65 -9.60 18.39 -3.81
CA GLU A 65 -10.95 18.57 -3.30
C GLU A 65 -11.32 17.40 -2.39
N VAL A 66 -12.05 17.70 -1.34
CA VAL A 66 -12.71 16.70 -0.51
C VAL A 66 -14.07 16.42 -1.13
N LEU A 67 -14.36 15.12 -1.39
CA LEU A 67 -15.64 14.76 -1.97
C LEU A 67 -16.67 14.58 -0.90
N PRO A 68 -17.95 14.68 -1.26
CA PRO A 68 -19.01 14.49 -0.29
C PRO A 68 -18.82 13.20 0.46
N ASP A 69 -19.15 13.23 1.76
CA ASP A 69 -18.75 12.16 2.67
C ASP A 69 -19.68 10.97 2.48
N ARG A 70 -19.09 9.78 2.38
CA ARG A 70 -19.87 8.56 2.36
C ARG A 70 -20.78 8.50 3.58
N VAL A 71 -21.96 7.89 3.41
CA VAL A 71 -22.88 7.66 4.50
C VAL A 71 -22.63 6.27 5.07
N ALA A 72 -22.21 6.21 6.33
CA ALA A 72 -21.94 4.92 6.97
C ALA A 72 -23.20 4.07 7.12
N LEU A 81 -15.94 -13.21 10.90
CA LEU A 81 -14.85 -12.50 10.26
C LEU A 81 -13.66 -13.42 10.00
N ALA A 82 -12.62 -12.88 9.38
CA ALA A 82 -11.44 -13.65 8.99
C ALA A 82 -10.17 -12.89 9.35
N ASP A 83 -10.09 -12.41 10.59
CA ASP A 83 -8.79 -12.06 11.13
C ASP A 83 -7.85 -13.25 11.14
N THR A 84 -8.37 -14.46 10.97
CA THR A 84 -7.53 -15.65 10.85
C THR A 84 -6.63 -15.60 9.61
N MET A 85 -6.96 -14.79 8.62
CA MET A 85 -6.14 -14.73 7.42
C MET A 85 -4.87 -13.90 7.61
N ILE A 86 -4.84 -13.04 8.62
CA ILE A 86 -3.70 -12.14 8.78
C ILE A 86 -2.44 -12.93 9.07
N GLY A 87 -1.38 -12.64 8.33
CA GLY A 87 -0.14 -13.37 8.57
C GLY A 87 0.03 -14.62 7.74
N LYS A 88 -0.98 -15.02 6.98
CA LYS A 88 -0.96 -16.28 6.25
C LYS A 88 -0.31 -16.11 4.89
N ALA A 89 0.45 -17.15 4.49
CA ALA A 89 0.87 -17.31 3.11
C ALA A 89 -0.35 -17.72 2.29
N VAL A 90 -0.51 -17.10 1.11
CA VAL A 90 -1.66 -17.37 0.27
C VAL A 90 -1.25 -17.51 -1.20
N GLU A 91 -2.10 -18.20 -1.96
CA GLU A 91 -2.01 -18.19 -3.40
C GLU A 91 -3.26 -17.47 -3.90
N HIS A 92 -3.08 -16.38 -4.64
CA HIS A 92 -4.17 -15.47 -5.00
C HIS A 92 -4.39 -15.54 -6.51
N MET A 93 -5.54 -16.08 -6.92
CA MET A 93 -5.83 -16.29 -8.34
C MET A 93 -6.54 -15.09 -8.97
N PHE A 94 -6.25 -14.84 -10.25
CA PHE A 94 -6.84 -13.70 -10.96
C PHE A 94 -6.90 -14.00 -12.45
N GLU A 95 -7.72 -13.21 -13.14
CA GLU A 95 -7.92 -13.36 -14.58
C GLU A 95 -7.01 -12.39 -15.32
N THR A 96 -6.44 -12.85 -16.45
CA THR A 96 -5.64 -11.98 -17.31
C THR A 96 -6.49 -11.45 -18.46
N GLU A 97 -5.87 -10.60 -19.28
CA GLU A 97 -6.60 -9.88 -20.32
C GLU A 97 -7.22 -10.84 -21.34
N ASP A 98 -6.55 -11.95 -21.62
CA ASP A 98 -7.07 -12.93 -22.58
C ASP A 98 -8.02 -13.93 -21.94
N GLY A 99 -8.29 -13.79 -20.64
CA GLY A 99 -9.23 -14.66 -19.97
C GLY A 99 -8.61 -15.86 -19.30
N SER A 100 -7.30 -16.06 -19.44
CA SER A 100 -6.66 -17.20 -18.78
C SER A 100 -6.35 -16.86 -17.33
N LYS A 101 -6.29 -17.92 -16.51
CA LYS A 101 -6.09 -17.78 -15.07
C LYS A 101 -4.61 -17.75 -14.75
N ASP A 102 -4.26 -16.92 -13.77
CA ASP A 102 -2.90 -16.92 -13.25
C ASP A 102 -3.00 -16.79 -11.73
N GLU A 103 -1.86 -16.93 -11.05
CA GLU A 103 -1.90 -16.85 -9.59
C GLU A 103 -0.58 -16.31 -9.10
N TRP A 104 -0.63 -15.48 -8.06
CA TRP A 104 0.55 -14.99 -7.36
C TRP A 104 0.53 -15.44 -5.91
N ARG A 105 1.72 -15.82 -5.41
CA ARG A 105 1.85 -16.17 -4.01
C ARG A 105 2.27 -14.93 -3.24
N GLY A 106 1.70 -14.79 -2.07
CA GLY A 106 2.00 -13.65 -1.24
C GLY A 106 1.65 -13.88 0.21
N MET A 107 1.52 -12.78 0.96
CA MET A 107 1.32 -12.84 2.40
C MET A 107 0.28 -11.79 2.75
N VAL A 108 -0.75 -12.20 3.48
CA VAL A 108 -1.72 -11.26 4.05
C VAL A 108 -1.07 -10.54 5.22
N LEU A 109 -1.04 -9.20 5.16
CA LEU A 109 -0.29 -8.42 6.13
C LEU A 109 -1.13 -7.89 7.29
N ALA A 110 -2.36 -7.41 7.03
CA ALA A 110 -3.17 -6.76 8.06
C ALA A 110 -4.51 -6.43 7.44
N ARG A 111 -5.49 -6.09 8.29
CA ARG A 111 -6.72 -5.44 7.84
C ARG A 111 -6.40 -4.00 7.45
N ALA A 112 -6.98 -3.53 6.34
CA ALA A 112 -6.76 -2.13 5.98
C ALA A 112 -7.55 -1.20 6.90
N PRO A 113 -7.02 0.01 7.18
CA PRO A 113 -7.58 0.86 8.24
C PRO A 113 -8.98 1.42 8.05
N VAL A 114 -9.31 1.85 6.86
CA VAL A 114 -10.52 2.65 6.73
C VAL A 114 -11.56 1.82 6.03
N MET A 115 -11.19 1.31 4.87
CA MET A 115 -12.05 0.43 4.12
C MET A 115 -12.03 -0.92 4.82
N ASN A 116 -12.98 -1.10 5.76
CA ASN A 116 -12.90 -2.18 6.75
C ASN A 116 -12.73 -3.57 6.12
N THR A 117 -13.55 -3.88 5.12
CA THR A 117 -13.63 -5.21 4.51
C THR A 117 -12.43 -5.52 3.61
N TRP A 118 -11.42 -4.68 3.69
CA TRP A 118 -10.26 -4.74 2.83
C TRP A 118 -9.03 -5.16 3.63
N PHE A 119 -8.12 -5.83 2.96
CA PHE A 119 -6.89 -6.31 3.59
C PHE A 119 -5.68 -5.84 2.80
N TYR A 120 -4.61 -5.51 3.54
CA TYR A 120 -3.28 -5.29 3.00
C TYR A 120 -2.61 -6.63 2.70
N ILE A 121 -1.98 -6.72 1.53
CA ILE A 121 -1.33 -7.93 1.08
C ILE A 121 -0.15 -7.52 0.20
N THR A 122 0.87 -8.35 0.14
CA THR A 122 1.95 -8.16 -0.81
C THR A 122 2.36 -9.49 -1.40
N TYR A 123 3.19 -9.44 -2.47
CA TYR A 123 3.46 -10.61 -3.29
C TYR A 123 4.95 -10.69 -3.61
N GLU A 124 5.46 -11.90 -3.70
CA GLU A 124 6.86 -12.07 -4.08
C GLU A 124 7.13 -11.45 -5.45
N LYS A 125 6.19 -11.58 -6.39
CA LYS A 125 6.39 -11.06 -7.75
C LYS A 125 6.27 -9.53 -7.83
N ASP A 126 5.78 -8.88 -6.79
CA ASP A 126 5.64 -7.42 -6.80
C ASP A 126 5.51 -6.97 -5.37
N PRO A 127 6.62 -6.82 -4.65
CA PRO A 127 6.61 -6.60 -3.20
C PRO A 127 6.36 -5.15 -2.82
N VAL A 128 5.23 -4.63 -3.29
CA VAL A 128 4.67 -3.36 -2.85
C VAL A 128 3.34 -3.65 -2.18
N LEU A 129 2.77 -2.61 -1.60
CA LEU A 129 1.56 -2.79 -0.81
C LEU A 129 0.34 -2.76 -1.72
N TYR A 130 -0.47 -3.82 -1.66
CA TYR A 130 -1.75 -3.94 -2.32
C TYR A 130 -2.88 -4.00 -1.29
N MET A 131 -4.11 -3.82 -1.79
CA MET A 131 -5.30 -3.84 -0.97
C MET A 131 -6.39 -4.54 -1.76
N TYR A 132 -7.01 -5.57 -1.17
CA TYR A 132 -8.07 -6.33 -1.81
C TYR A 132 -9.11 -6.76 -0.78
N GLN A 133 -10.32 -7.08 -1.28
CA GLN A 133 -11.41 -7.60 -0.45
C GLN A 133 -11.26 -9.12 -0.43
N LEU A 134 -10.29 -9.57 0.38
CA LEU A 134 -9.83 -10.95 0.28
C LEU A 134 -10.88 -11.95 0.76
N LEU A 135 -11.79 -11.55 1.64
CA LEU A 135 -12.80 -12.49 2.08
C LEU A 135 -13.79 -12.78 0.94
N ASP A 136 -14.09 -11.77 0.12
CA ASP A 136 -14.88 -12.02 -1.08
C ASP A 136 -14.13 -12.96 -2.00
N ASP A 137 -12.84 -12.66 -2.28
CA ASP A 137 -12.05 -13.52 -3.15
C ASP A 137 -12.00 -14.95 -2.62
N TYR A 138 -11.90 -15.12 -1.29
CA TYR A 138 -11.87 -16.45 -0.69
C TYR A 138 -13.18 -17.20 -0.96
N LYS A 139 -14.32 -16.54 -0.73
CA LYS A 139 -15.61 -17.18 -0.97
C LYS A 139 -15.79 -17.56 -2.41
N GLU A 140 -15.16 -16.84 -3.32
CA GLU A 140 -15.28 -17.14 -4.74
C GLU A 140 -14.28 -18.18 -5.21
N GLY A 141 -13.45 -18.72 -4.34
CA GLY A 141 -12.50 -19.76 -4.68
C GLY A 141 -11.22 -19.26 -5.28
N ASP A 142 -10.92 -17.98 -5.12
CA ASP A 142 -9.73 -17.38 -5.71
C ASP A 142 -8.62 -17.12 -4.69
N LEU A 143 -8.70 -17.69 -3.49
CA LEU A 143 -7.66 -17.43 -2.50
C LEU A 143 -7.43 -18.72 -1.76
N ARG A 144 -6.26 -19.32 -1.93
CA ARG A 144 -5.89 -20.50 -1.17
C ARG A 144 -5.00 -20.10 0.00
N ILE A 145 -5.36 -20.55 1.20
CA ILE A 145 -4.62 -20.23 2.41
C ILE A 145 -3.73 -21.42 2.74
N MET A 146 -2.45 -21.16 2.90
CA MET A 146 -1.46 -22.20 3.19
C MET A 146 -1.34 -22.43 4.69
N PRO A 147 -0.67 -23.54 5.10
CA PRO A 147 -0.26 -23.83 6.49
C PRO A 147 -0.21 -22.65 7.45
N SER A 165 11.90 -1.61 17.21
CA SER A 165 11.28 -1.33 15.90
C SER A 165 12.03 -0.21 15.18
N LEU A 166 12.19 -0.38 13.88
CA LEU A 166 12.93 0.58 13.04
C LEU A 166 12.05 1.70 12.50
N VAL A 167 10.77 1.76 12.90
CA VAL A 167 9.85 2.73 12.31
C VAL A 167 10.35 4.14 12.61
N GLY A 168 10.40 4.96 11.58
CA GLY A 168 10.88 6.32 11.67
C GLY A 168 12.32 6.47 11.27
N LYS A 169 13.05 5.37 11.08
CA LYS A 169 14.45 5.47 10.70
C LYS A 169 14.56 5.75 9.20
N GLN A 170 15.64 6.42 8.83
N GLN A 170 15.65 6.42 8.82
CA GLN A 170 15.98 6.61 7.43
CA GLN A 170 15.99 6.63 7.42
C GLN A 170 16.56 5.32 6.88
C GLN A 170 16.63 5.39 6.86
N VAL A 171 16.34 5.09 5.59
CA VAL A 171 16.86 3.91 4.94
C VAL A 171 17.54 4.34 3.66
N GLU A 172 18.59 3.63 3.27
CA GLU A 172 19.13 3.75 1.92
C GLU A 172 19.50 2.38 1.38
N TYR A 173 19.45 2.22 0.05
CA TYR A 173 20.25 1.15 -0.54
C TYR A 173 20.96 1.63 -1.79
N ALA A 174 21.98 0.87 -2.21
CA ALA A 174 22.77 1.19 -3.40
C ALA A 174 22.07 0.74 -4.67
N LYS A 175 21.86 1.67 -5.62
CA LYS A 175 21.29 1.33 -6.93
C LYS A 175 22.26 0.53 -7.79
N LYS A 180 22.29 5.90 -5.01
CA LYS A 180 21.76 5.82 -3.65
C LYS A 180 20.26 6.14 -3.62
N ARG A 181 19.40 5.14 -3.37
CA ARG A 181 17.98 5.38 -3.15
C ARG A 181 17.70 5.60 -1.67
N THR A 182 17.00 6.69 -1.31
CA THR A 182 16.78 7.04 0.09
C THR A 182 15.30 7.03 0.44
N GLY A 183 15.02 6.73 1.69
CA GLY A 183 13.63 6.69 2.14
C GLY A 183 13.48 6.60 3.65
N MET A 184 12.28 6.23 4.09
CA MET A 184 11.95 6.16 5.51
C MET A 184 11.14 4.90 5.78
N VAL A 185 11.37 4.29 6.94
CA VAL A 185 10.56 3.17 7.39
C VAL A 185 9.31 3.77 8.03
N ILE A 186 8.13 3.44 7.48
CA ILE A 186 6.89 4.07 7.93
C ILE A 186 5.96 3.17 8.76
N HIS A 187 6.09 1.85 8.68
N HIS A 187 6.14 1.85 8.72
CA HIS A 187 5.23 0.99 9.49
CA HIS A 187 5.27 0.96 9.47
C HIS A 187 5.93 -0.36 9.70
C HIS A 187 5.96 -0.37 9.71
N GLN A 188 5.63 -0.99 10.84
CA GLN A 188 6.02 -2.37 11.15
C GLN A 188 4.78 -3.25 11.13
N VAL A 189 4.87 -4.43 10.53
CA VAL A 189 3.72 -5.33 10.44
C VAL A 189 3.60 -6.07 11.76
N GLU A 190 2.52 -5.83 12.49
CA GLU A 190 2.36 -6.46 13.80
C GLU A 190 2.44 -7.97 13.70
N ALA A 191 1.87 -8.56 12.64
CA ALA A 191 1.81 -10.02 12.58
C ALA A 191 3.15 -10.65 12.22
N LYS A 192 4.08 -9.90 11.65
CA LYS A 192 5.38 -10.43 11.26
C LYS A 192 6.40 -9.33 11.44
N PRO A 193 6.91 -9.14 12.67
CA PRO A 193 7.63 -7.91 12.99
C PRO A 193 8.95 -7.68 12.25
N SER A 194 9.51 -8.66 11.53
CA SER A 194 10.66 -8.38 10.69
C SER A 194 10.24 -7.76 9.36
N VAL A 195 8.93 -7.56 9.14
CA VAL A 195 8.39 -7.02 7.89
C VAL A 195 7.99 -5.57 8.11
N TYR A 196 8.43 -4.72 7.20
CA TYR A 196 8.26 -3.29 7.31
C TYR A 196 7.77 -2.72 5.99
N PHE A 197 7.11 -1.57 6.10
CA PHE A 197 6.75 -0.74 4.95
C PHE A 197 7.73 0.42 4.85
N ILE A 198 8.23 0.68 3.64
CA ILE A 198 9.20 1.73 3.36
C ILE A 198 8.64 2.65 2.30
N LYS A 199 8.76 3.94 2.53
CA LYS A 199 8.43 4.94 1.51
C LYS A 199 9.74 5.53 1.02
N PHE A 200 10.06 5.28 -0.24
CA PHE A 200 11.23 5.93 -0.83
C PHE A 200 10.89 7.31 -1.36
N ASP A 201 11.87 8.22 -1.27
CA ASP A 201 11.65 9.60 -1.66
C ASP A 201 11.30 9.75 -3.13
N ASP A 202 11.71 8.84 -3.98
CA ASP A 202 11.58 9.02 -5.42
C ASP A 202 10.34 8.32 -6.02
N ASP A 203 9.47 7.76 -5.21
CA ASP A 203 8.37 6.99 -5.76
C ASP A 203 7.17 6.98 -4.83
N PHE A 204 5.99 6.76 -5.40
CA PHE A 204 4.76 6.84 -4.66
C PHE A 204 4.17 5.47 -4.28
N HIS A 205 4.85 4.37 -4.53
CA HIS A 205 4.44 3.08 -4.02
C HIS A 205 4.92 2.95 -2.58
N ILE A 206 4.33 2.00 -1.88
CA ILE A 206 4.79 1.59 -0.54
C ILE A 206 5.44 0.22 -0.69
N TYR A 207 6.73 0.18 -0.42
CA TYR A 207 7.52 -1.04 -0.56
C TYR A 207 7.47 -1.86 0.73
N VAL A 208 7.39 -3.17 0.57
CA VAL A 208 7.31 -4.08 1.70
C VAL A 208 8.57 -4.97 1.67
N TYR A 209 9.24 -5.07 2.82
CA TYR A 209 10.43 -5.90 2.93
C TYR A 209 10.40 -6.72 4.20
N ASP A 210 10.86 -7.96 4.12
CA ASP A 210 11.16 -8.78 5.27
C ASP A 210 12.67 -8.74 5.40
N LEU A 211 13.15 -8.14 6.48
CA LEU A 211 14.54 -7.77 6.59
C LEU A 211 15.47 -8.96 6.73
N VAL A 212 14.95 -10.19 6.89
CA VAL A 212 15.85 -11.34 6.93
C VAL A 212 16.15 -11.89 5.57
N LYS A 213 15.45 -11.43 4.54
CA LYS A 213 15.50 -12.03 3.22
C LYS A 213 16.47 -11.32 2.28
N THR A 214 16.84 -12.05 1.23
CA THR A 214 17.76 -11.53 0.22
C THR A 214 17.28 -10.21 -0.36
N SER A 215 15.96 -10.08 -0.63
CA SER A 215 15.46 -8.84 -1.20
C SER A 215 15.74 -7.62 -0.33
N ALA A 216 15.97 -7.79 0.97
CA ALA A 216 16.32 -6.67 1.84
C ALA A 216 17.81 -6.51 2.10
N GLU A 217 18.67 -7.31 1.46
CA GLU A 217 20.06 -7.42 1.93
C GLU A 217 20.87 -6.15 1.67
N ASN A 218 20.39 -5.24 0.83
CA ASN A 218 21.14 -4.03 0.56
C ASN A 218 20.51 -2.83 1.25
N LEU A 219 19.53 -3.05 2.14
CA LEU A 219 18.96 -1.92 2.89
C LEU A 219 19.77 -1.66 4.15
N TYR A 220 20.10 -0.38 4.39
CA TYR A 220 20.86 0.06 5.56
C TYR A 220 20.08 1.22 6.16
N PHE A 221 20.23 1.40 7.48
CA PHE A 221 19.34 2.26 8.26
C PHE A 221 20.14 3.23 9.12
N GLN A 222 19.48 4.35 9.43
CA GLN A 222 20.09 5.35 10.30
C GLN A 222 19.06 6.00 11.20
N1 2OD B . -2.50 -8.80 -9.09
N3 2OD B . -11.69 -8.98 -6.64
C4 2OD B . -8.58 -8.58 -8.59
C5 2OD B . -8.26 -9.54 -7.58
C6 2OD B . -6.99 -10.14 -7.48
C7 2OD B . -6.09 -9.70 -8.46
C8 2OD B . -4.22 -10.65 -7.30
C10 2OD B . -2.18 -9.15 -7.92
C13 2OD B . -1.66 -7.48 -10.80
C15 2OD B . -10.50 -8.99 -7.21
C17 2OD B . -10.37 -6.69 -8.43
C16 2OD B . -9.99 -8.17 -8.31
C19 2OD B . -11.00 -8.49 -9.40
C18 2OD B . -11.12 -7.01 -9.68
C3 2OD B . -7.67 -8.12 -9.50
N2 2OD B . -9.43 -9.81 -6.72
C2 2OD B . -6.34 -8.72 -9.42
O1 2OD B . -5.29 -8.39 -10.21
C1 2OD B . -5.54 -7.45 -11.25
O2 2OD B . -4.74 -10.10 -8.51
C9 2OD B . -2.69 -10.51 -7.45
C14 2OD B . -1.97 -7.61 -9.29
C12 2OD B . -1.80 -8.85 -11.32
C11 2OD B . -1.83 -9.65 -10.23
N1 2OD C . -1.56 7.55 -8.84
N3 2OD C . -0.01 2.42 -16.95
C4 2OD C . -0.01 5.15 -14.46
C5 2OD C . -0.88 4.20 -13.89
C6 2OD C . -1.49 4.33 -12.66
C7 2OD C . -1.20 5.54 -12.01
C8 2OD C . -2.57 4.87 -10.09
C10 2OD C . -1.96 6.51 -8.24
C13 2OD C . -1.81 9.85 -8.86
C15 2OD C . -0.14 3.27 -15.94
C17 2OD C . 0.72 5.55 -16.94
C16 2OD C . 0.46 4.61 -15.78
C19 2OD C . 1.93 4.27 -15.76
C18 2OD C . 2.16 5.61 -16.45
C3 2OD C . 0.27 6.37 -13.79
N2 2OD C . -0.97 3.02 -14.78
C2 2OD C . -0.38 6.52 -12.53
O1 2OD C . -0.27 7.62 -11.69
C1 2OD C . 0.51 8.70 -12.20
O2 2OD C . -1.79 5.83 -10.77
C9 2OD C . -3.05 5.67 -8.89
C14 2OD C . -2.48 8.43 -8.96
C12 2OD C . -0.52 9.57 -8.17
C11 2OD C . -0.46 8.22 -7.93
C1 EDO D . 1.39 2.33 -11.50
O1 EDO D . 1.41 2.13 -10.08
C2 EDO D . 2.09 3.63 -11.85
O2 EDO D . 3.48 3.53 -11.55
H11 EDO D . 1.90 1.49 -11.99
H12 EDO D . 0.36 2.35 -11.85
HO1 EDO D . 0.95 1.30 -9.87
H21 EDO D . 1.95 3.85 -12.91
H22 EDO D . 1.65 4.45 -11.28
HO2 EDO D . 3.92 4.37 -11.78
C1 EDO E . 19.98 -0.49 13.17
O1 EDO E . 20.05 -1.44 12.09
C2 EDO E . 20.18 0.92 12.64
O2 EDO E . 20.03 1.88 13.69
H11 EDO E . 19.00 -0.57 13.66
H12 EDO E . 20.74 -0.72 13.91
HO1 EDO E . 19.92 -2.32 12.43
H21 EDO E . 21.19 1.01 12.22
H22 EDO E . 19.45 1.12 11.85
HO2 EDO E . 20.16 2.77 13.34
S DMS F . 6.98 12.59 15.18
O DMS F . 5.95 12.78 16.26
C1 DMS F . 7.28 10.82 14.94
C2 DMS F . 6.25 13.06 13.59
H11 DMS F . 7.73 10.41 15.81
H12 DMS F . 7.95 10.69 14.12
H13 DMS F . 6.37 10.33 14.74
H21 DMS F . 6.04 14.10 13.59
H22 DMS F . 5.36 12.52 13.43
H23 DMS F . 6.95 12.84 12.82
C1 MPD G . 0.38 10.74 -20.44
C2 MPD G . -0.27 9.41 -20.01
O2 MPD G . -1.36 9.18 -20.94
CM MPD G . 0.64 8.21 -20.25
C3 MPD G . -0.78 9.43 -18.56
C4 MPD G . 0.18 9.97 -17.49
O4 MPD G . 0.27 11.39 -17.52
C5 MPD G . -0.29 9.60 -16.09
H11 MPD G . 0.33 11.44 -19.61
H12 MPD G . -0.17 11.14 -21.29
H13 MPD G . 1.41 10.56 -20.72
HO2 MPD G . -2.19 9.07 -20.45
HM1 MPD G . 0.72 7.62 -19.33
HM2 MPD G . 1.63 8.56 -20.55
HM3 MPD G . 0.22 7.59 -21.04
H31 MPD G . -1.69 10.02 -18.54
H32 MPD G . -1.06 8.41 -18.28
H4 MPD G . 1.17 9.54 -17.66
HO4 MPD G . -0.62 11.77 -17.68
H51 MPD G . -0.43 10.50 -15.50
H52 MPD G . 0.45 8.96 -15.62
H53 MPD G . -1.23 9.07 -16.16
C1 GOL H . 7.99 -11.15 2.25
O1 GOL H . 9.18 -10.96 1.57
C2 GOL H . 6.93 -10.50 1.38
O2 GOL H . 7.35 -9.21 1.04
C3 GOL H . 6.78 -11.47 0.13
O3 GOL H . 5.53 -12.14 0.20
H11 GOL H . 7.77 -12.09 2.39
H12 GOL H . 8.00 -10.73 3.12
HO1 GOL H . 9.59 -10.34 1.96
H2 GOL H . 6.10 -10.40 1.86
HO2 GOL H . 8.05 -9.28 0.55
H31 GOL H . 6.89 -10.95 -0.68
H32 GOL H . 7.51 -12.10 0.12
HO3 GOL H . 5.26 -12.26 -0.61
NA NA I . 19.92 11.49 8.61
#